data_2VZW
#
_entry.id   2VZW
#
_cell.length_a   87.924
_cell.length_b   87.924
_cell.length_c   66.760
_cell.angle_alpha   90.00
_cell.angle_beta   90.00
_cell.angle_gamma   90.00
#
_symmetry.space_group_name_H-M   'P 43'
#
loop_
_entity.id
_entity.type
_entity.pdbx_description
1 polymer 'PROBABLE HISTIDINE KINASE RESPONSE REGULATOR'
2 non-polymer 'PROTOPORPHYRIN IX CONTAINING FE'
3 non-polymer 'ACETATE ION'
4 non-polymer 'OXYGEN MOLECULE'
5 water water
#
_entity_poly.entity_id   1
_entity_poly.type   'polypeptide(L)'
_entity_poly.pdbx_seq_one_letter_code
;GKLDATLRAIVHTAAELVDARYGALGVRGYDHRLVEFVYEGIDEETRHLIGSLPEGRGVLGALIEEPKPIRLDDISRHPA
SVGFPLHHPPMRTFLGVPVRIRDEVFGNLYLTEKADGQPFSDDDEVLVQALAAAAGIAVDNARLFEESR
;
_entity_poly.pdbx_strand_id   A,B
#
loop_
_chem_comp.id
_chem_comp.type
_chem_comp.name
_chem_comp.formula
ACT non-polymer 'ACETATE ION' 'C2 H3 O2 -1'
HEM non-polymer 'PROTOPORPHYRIN IX CONTAINING FE' 'C34 H32 Fe N4 O4'
OXY non-polymer 'OXYGEN MOLECULE' O2
#
# COMPACT_ATOMS: atom_id res chain seq x y z
N GLY A 1 11.25 -10.06 9.68
CA GLY A 1 10.48 -10.21 10.97
C GLY A 1 9.04 -9.70 10.92
N LYS A 2 8.79 -8.54 11.52
CA LYS A 2 7.48 -7.87 11.46
C LYS A 2 7.60 -6.48 10.83
N LEU A 3 8.62 -5.72 11.23
CA LEU A 3 8.78 -4.36 10.73
C LEU A 3 9.41 -4.42 9.35
N ASP A 4 10.57 -5.09 9.30
CA ASP A 4 11.32 -5.38 8.09
C ASP A 4 10.39 -5.91 7.00
N ALA A 5 9.49 -6.82 7.38
CA ALA A 5 8.58 -7.53 6.47
C ALA A 5 7.47 -6.61 5.92
N THR A 6 7.02 -5.71 6.80
CA THR A 6 6.02 -4.67 6.50
C THR A 6 6.65 -3.52 5.65
N LEU A 7 7.87 -3.12 6.00
CA LEU A 7 8.67 -2.19 5.20
C LEU A 7 8.96 -2.67 3.75
N ARG A 8 9.41 -3.91 3.63
CA ARG A 8 9.51 -4.60 2.35
C ARG A 8 8.24 -4.68 1.52
N ALA A 9 7.10 -4.88 2.21
CA ALA A 9 5.78 -4.96 1.60
C ALA A 9 5.35 -3.59 1.02
N ILE A 10 5.67 -2.52 1.73
CA ILE A 10 5.39 -1.14 1.35
C ILE A 10 6.19 -0.73 0.17
N VAL A 11 7.50 -0.99 0.21
CA VAL A 11 8.34 -0.66 -0.92
C VAL A 11 7.88 -1.39 -2.16
N HIS A 12 7.63 -2.69 -2.05
CA HIS A 12 7.10 -3.49 -3.19
C HIS A 12 5.74 -3.01 -3.69
N THR A 13 4.85 -2.80 -2.74
CA THR A 13 3.56 -2.20 -2.98
C THR A 13 3.55 -0.81 -3.67
N ALA A 14 4.40 0.10 -3.21
CA ALA A 14 4.55 1.43 -3.81
C ALA A 14 5.04 1.40 -5.27
N ALA A 15 6.02 0.54 -5.56
CA ALA A 15 6.65 0.48 -6.86
C ALA A 15 5.57 -0.04 -7.78
N GLU A 16 4.99 -1.17 -7.44
CA GLU A 16 3.88 -1.68 -8.23
C GLU A 16 2.83 -0.58 -8.48
N LEU A 17 2.40 0.09 -7.42
CA LEU A 17 1.30 1.11 -7.49
C LEU A 17 1.57 2.28 -8.43
N VAL A 18 2.83 2.54 -8.70
CA VAL A 18 3.22 3.80 -9.29
C VAL A 18 3.94 3.38 -10.57
N ASP A 19 4.02 2.06 -10.70
CA ASP A 19 4.72 1.38 -11.76
C ASP A 19 6.21 1.73 -12.01
N ALA A 20 6.96 1.76 -10.92
CA ALA A 20 8.38 2.13 -10.92
C ALA A 20 9.27 0.86 -11.01
N ARG A 21 10.38 0.91 -11.73
CA ARG A 21 11.31 -0.21 -11.70
C ARG A 21 11.96 -0.41 -10.32
N TYR A 22 12.26 0.68 -9.61
CA TYR A 22 12.98 0.58 -8.36
C TYR A 22 12.26 1.29 -7.26
N GLY A 23 12.55 0.83 -6.05
CA GLY A 23 11.93 1.49 -4.88
C GLY A 23 12.89 1.21 -3.74
N ALA A 24 13.01 2.18 -2.86
CA ALA A 24 13.62 1.92 -1.62
C ALA A 24 12.87 2.69 -0.51
N LEU A 25 13.21 2.30 0.70
CA LEU A 25 12.84 3.03 1.86
C LEU A 25 13.96 2.79 2.90
N GLY A 26 14.45 3.88 3.44
CA GLY A 26 15.44 3.84 4.44
C GLY A 26 14.78 4.43 5.68
N VAL A 27 15.12 3.86 6.82
CA VAL A 27 14.79 4.46 8.11
C VAL A 27 16.09 4.61 8.88
N ARG A 28 16.31 5.83 9.38
CA ARG A 28 17.48 6.22 10.09
C ARG A 28 17.31 6.47 11.58
N GLY A 29 18.35 6.14 12.35
CA GLY A 29 18.32 6.25 13.78
C GLY A 29 18.84 7.58 14.29
N TYR A 30 19.20 7.60 15.56
CA TYR A 30 19.59 8.82 16.25
C TYR A 30 20.90 9.43 15.72
N ASP A 31 21.71 8.55 15.15
CA ASP A 31 23.02 8.88 14.61
C ASP A 31 22.96 9.14 13.10
N HIS A 32 21.73 9.09 12.54
CA HIS A 32 21.47 9.33 11.10
C HIS A 32 22.01 8.22 10.22
N ARG A 33 22.49 7.13 10.82
CA ARG A 33 22.79 5.92 10.03
C ARG A 33 21.52 5.07 9.92
N LEU A 34 21.44 4.22 8.91
CA LEU A 34 20.21 3.46 8.71
C LEU A 34 20.06 2.33 9.74
N VAL A 35 18.82 2.11 10.16
CA VAL A 35 18.36 0.97 11.02
C VAL A 35 17.71 -0.02 10.08
N GLU A 36 16.90 0.55 9.19
CA GLU A 36 16.22 -0.21 8.17
C GLU A 36 16.54 0.34 6.79
N PHE A 37 16.92 -0.53 5.87
CA PHE A 37 17.09 -0.14 4.49
C PHE A 37 16.46 -1.23 3.65
N VAL A 38 15.40 -0.89 2.93
N VAL A 38 15.39 -0.88 2.94
CA VAL A 38 14.70 -1.89 2.10
CA VAL A 38 14.72 -1.85 2.09
C VAL A 38 14.58 -1.36 0.68
C VAL A 38 14.83 -1.32 0.69
N TYR A 39 14.89 -2.23 -0.29
CA TYR A 39 14.99 -1.84 -1.69
C TYR A 39 14.40 -2.92 -2.66
N GLU A 40 13.82 -2.46 -3.76
CA GLU A 40 13.14 -3.28 -4.79
C GLU A 40 13.77 -3.00 -6.16
N GLY A 41 14.01 -4.04 -6.96
CA GLY A 41 14.30 -3.85 -8.37
C GLY A 41 15.69 -4.27 -8.73
N ILE A 42 16.41 -4.70 -7.71
CA ILE A 42 17.83 -5.04 -7.78
C ILE A 42 18.00 -6.29 -6.96
N ASP A 43 18.72 -7.25 -7.50
CA ASP A 43 18.96 -8.49 -6.74
C ASP A 43 20.15 -8.33 -5.78
N GLU A 44 20.41 -9.36 -4.99
CA GLU A 44 21.51 -9.35 -4.02
C GLU A 44 22.90 -9.25 -4.66
N GLU A 45 23.07 -9.88 -5.83
CA GLU A 45 24.30 -9.75 -6.61
C GLU A 45 24.66 -8.29 -6.98
N THR A 46 23.74 -7.52 -7.60
CA THR A 46 24.07 -6.10 -7.86
C THR A 46 24.22 -5.22 -6.57
N ARG A 47 23.40 -5.51 -5.56
CA ARG A 47 23.47 -4.91 -4.20
C ARG A 47 24.84 -4.98 -3.55
N HIS A 48 25.42 -6.18 -3.54
CA HIS A 48 26.84 -6.37 -3.11
C HIS A 48 27.87 -5.66 -3.98
N LEU A 49 27.60 -5.52 -5.28
CA LEU A 49 28.48 -4.79 -6.20
C LEU A 49 28.49 -3.30 -5.93
N ILE A 50 27.33 -2.74 -5.60
CA ILE A 50 27.19 -1.33 -5.24
C ILE A 50 28.05 -1.03 -3.96
N GLY A 51 28.03 -1.94 -3.00
CA GLY A 51 28.96 -1.83 -1.90
C GLY A 51 28.34 -1.11 -0.73
N SER A 52 28.85 0.08 -0.36
CA SER A 52 28.29 0.83 0.78
C SER A 52 26.84 1.26 0.62
N LEU A 53 26.14 1.30 1.76
CA LEU A 53 24.77 1.79 1.85
C LEU A 53 24.75 3.28 1.64
N PRO A 54 23.61 3.86 1.20
CA PRO A 54 23.69 5.30 0.95
C PRO A 54 23.90 6.09 2.24
N GLU A 55 24.49 7.27 2.10
CA GLU A 55 24.59 8.19 3.22
C GLU A 55 23.38 9.13 3.36
N GLY A 56 22.51 9.14 2.36
CA GLY A 56 21.37 10.05 2.30
C GLY A 56 21.79 11.51 2.22
N ARG A 57 22.70 11.79 1.28
CA ARG A 57 23.47 13.03 1.24
C ARG A 57 22.95 14.16 0.35
N GLY A 58 22.14 13.80 -0.64
CA GLY A 58 21.75 14.75 -1.68
C GLY A 58 20.25 14.81 -1.68
N VAL A 59 19.62 14.50 -2.80
CA VAL A 59 18.16 14.64 -2.90
C VAL A 59 17.41 14.04 -1.65
N LEU A 60 17.92 12.89 -1.18
CA LEU A 60 17.39 12.18 -0.06
C LEU A 60 17.55 12.92 1.28
N GLY A 61 18.64 13.67 1.43
CA GLY A 61 18.81 14.52 2.58
C GLY A 61 18.09 15.84 2.42
N ALA A 62 17.64 16.12 1.20
CA ALA A 62 16.71 17.23 0.97
C ALA A 62 15.37 16.78 1.53
N LEU A 63 15.01 15.51 1.27
CA LEU A 63 13.74 14.88 1.74
C LEU A 63 13.56 14.78 3.25
N ILE A 64 14.67 14.70 3.99
CA ILE A 64 14.65 14.58 5.45
C ILE A 64 14.69 15.95 6.14
N GLU A 65 15.44 16.88 5.56
CA GLU A 65 15.36 18.30 5.96
C GLU A 65 13.95 18.83 5.68
N GLU A 66 13.45 18.63 4.44
CA GLU A 66 12.04 18.91 4.05
C GLU A 66 11.36 17.58 3.69
N PRO A 67 10.42 17.06 4.51
CA PRO A 67 9.02 17.11 4.80
C PRO A 67 8.13 17.32 3.59
N LYS A 68 8.75 17.60 2.44
CA LYS A 68 8.08 17.92 1.19
C LYS A 68 8.15 16.61 0.41
N PRO A 69 7.12 16.23 -0.38
CA PRO A 69 7.43 15.21 -1.39
C PRO A 69 8.34 15.79 -2.48
N ILE A 70 9.24 14.98 -3.02
CA ILE A 70 10.08 15.44 -4.12
C ILE A 70 9.74 14.57 -5.30
N ARG A 71 9.38 15.25 -6.39
CA ARG A 71 8.84 14.66 -7.64
C ARG A 71 9.51 15.29 -8.88
N LEU A 72 10.37 14.51 -9.52
CA LEU A 72 11.32 15.04 -10.49
C LEU A 72 11.29 14.21 -11.74
N ASP A 73 11.33 14.87 -12.88
CA ASP A 73 11.50 14.21 -14.19
C ASP A 73 12.95 13.84 -14.47
N ASP A 74 13.87 14.52 -13.77
CA ASP A 74 15.28 14.15 -13.81
C ASP A 74 15.94 14.60 -12.54
N ILE A 75 16.47 13.66 -11.74
CA ILE A 75 17.02 13.94 -10.39
C ILE A 75 18.30 14.73 -10.44
N SER A 76 19.02 14.65 -11.56
CA SER A 76 20.27 15.39 -11.73
C SER A 76 20.00 16.88 -11.88
N ARG A 77 18.74 17.25 -12.15
N ARG A 77 18.73 17.24 -12.11
CA ARG A 77 18.34 18.65 -12.19
CA ARG A 77 18.27 18.64 -12.20
C ARG A 77 18.38 19.29 -10.80
C ARG A 77 18.00 19.29 -10.84
N HIS A 78 18.09 18.48 -9.79
CA HIS A 78 18.01 18.94 -8.42
C HIS A 78 19.37 19.34 -7.85
N PRO A 79 19.47 20.58 -7.32
CA PRO A 79 20.69 21.17 -6.73
C PRO A 79 21.50 20.24 -5.85
N ALA A 80 20.80 19.44 -5.04
CA ALA A 80 21.43 18.61 -4.01
C ALA A 80 21.82 17.20 -4.49
N SER A 81 21.47 16.86 -5.74
CA SER A 81 21.87 15.56 -6.30
C SER A 81 23.40 15.40 -6.30
N VAL A 82 23.85 14.19 -6.05
CA VAL A 82 25.28 13.90 -5.92
C VAL A 82 25.69 12.81 -6.94
N GLY A 83 24.71 12.17 -7.58
CA GLY A 83 24.95 11.05 -8.45
C GLY A 83 25.19 9.73 -7.74
N PHE A 84 25.52 8.70 -8.53
CA PHE A 84 25.43 7.32 -8.07
C PHE A 84 26.84 6.72 -8.09
N PRO A 85 27.14 5.79 -7.16
CA PRO A 85 28.39 5.11 -7.03
C PRO A 85 28.39 4.07 -8.12
N LEU A 86 29.55 3.56 -8.44
CA LEU A 86 29.66 2.67 -9.60
C LEU A 86 28.79 1.41 -9.37
N HIS A 87 28.26 0.85 -10.46
CA HIS A 87 27.44 -0.39 -10.44
C HIS A 87 25.99 -0.12 -10.07
N HIS A 88 25.75 1.07 -9.51
CA HIS A 88 24.40 1.43 -9.09
C HIS A 88 23.69 1.68 -10.41
N PRO A 89 22.49 1.10 -10.58
CA PRO A 89 21.98 1.33 -11.90
C PRO A 89 21.45 2.76 -12.09
N PRO A 90 21.57 3.28 -13.35
CA PRO A 90 21.19 4.64 -13.68
C PRO A 90 19.65 4.91 -13.49
N MET A 91 19.27 6.08 -13.01
CA MET A 91 17.85 6.38 -12.83
C MET A 91 17.67 7.85 -13.07
N ARG A 92 16.60 8.25 -13.78
CA ARG A 92 16.30 9.68 -13.89
C ARG A 92 15.05 10.14 -13.16
N THR A 93 13.87 9.56 -13.48
CA THR A 93 12.61 9.95 -12.81
C THR A 93 12.64 9.52 -11.36
N PHE A 94 12.20 10.42 -10.47
CA PHE A 94 12.30 10.23 -9.01
C PHE A 94 11.01 10.77 -8.35
N LEU A 95 10.51 9.97 -7.41
CA LEU A 95 9.38 10.32 -6.53
C LEU A 95 9.78 9.82 -5.14
N GLY A 96 9.99 10.76 -4.23
CA GLY A 96 10.33 10.47 -2.85
C GLY A 96 9.54 11.26 -1.86
N VAL A 97 9.14 10.62 -0.78
CA VAL A 97 8.35 11.26 0.22
C VAL A 97 9.04 10.87 1.53
N PRO A 98 8.93 11.71 2.57
CA PRO A 98 9.25 11.35 3.97
C PRO A 98 8.34 10.28 4.65
N VAL A 99 8.97 9.45 5.48
CA VAL A 99 8.28 8.49 6.34
C VAL A 99 8.06 9.13 7.73
N ARG A 100 6.81 9.50 8.07
CA ARG A 100 6.53 10.30 9.28
C ARG A 100 5.20 10.08 10.06
N ILE A 101 5.25 10.35 11.37
CA ILE A 101 4.09 10.53 12.27
C ILE A 101 4.32 11.67 13.30
N ARG A 102 3.23 12.34 13.66
CA ARG A 102 3.26 13.62 14.39
C ARG A 102 4.31 14.51 13.74
N ASP A 103 5.24 15.01 14.55
CA ASP A 103 6.31 15.89 14.05
C ASP A 103 7.62 15.12 13.99
N GLU A 104 7.48 13.80 13.94
CA GLU A 104 8.60 12.89 13.92
C GLU A 104 8.85 12.38 12.46
N VAL A 105 10.10 12.41 12.00
CA VAL A 105 10.46 11.85 10.69
C VAL A 105 11.41 10.69 10.96
N PHE A 106 11.15 9.56 10.31
CA PHE A 106 11.89 8.32 10.48
C PHE A 106 12.88 8.03 9.32
N GLY A 107 12.59 8.51 8.14
CA GLY A 107 13.38 8.20 6.94
C GLY A 107 12.54 8.59 5.72
N ASN A 108 12.69 7.84 4.62
CA ASN A 108 11.99 8.11 3.35
C ASN A 108 11.61 6.92 2.49
N LEU A 109 10.70 7.18 1.58
CA LEU A 109 10.23 6.18 0.67
C LEU A 109 10.44 6.76 -0.71
N TYR A 110 11.14 6.03 -1.55
CA TYR A 110 11.36 6.61 -2.83
C TYR A 110 11.39 5.63 -3.94
N LEU A 111 10.87 6.13 -5.04
CA LEU A 111 10.66 5.31 -6.25
C LEU A 111 11.40 5.98 -7.47
N THR A 112 11.94 5.19 -8.36
CA THR A 112 12.57 5.70 -9.57
C THR A 112 12.17 4.89 -10.79
N GLU A 113 12.42 5.47 -11.96
CA GLU A 113 12.24 4.77 -13.23
C GLU A 113 10.81 4.21 -13.39
N LYS A 114 9.81 5.10 -13.30
CA LYS A 114 8.47 4.84 -13.83
C LYS A 114 8.49 4.23 -15.23
N ALA A 115 7.62 3.24 -15.47
CA ALA A 115 7.66 2.53 -16.76
C ALA A 115 7.60 3.51 -17.95
N ASP A 116 8.49 3.28 -18.92
CA ASP A 116 8.81 4.24 -20.02
C ASP A 116 9.05 5.62 -19.44
N GLY A 117 9.90 6.41 -20.06
CA GLY A 117 10.40 7.65 -19.48
C GLY A 117 9.33 8.62 -19.00
N GLN A 118 8.12 8.10 -18.80
N GLN A 118 8.08 8.13 -18.89
CA GLN A 118 7.00 8.81 -18.21
CA GLN A 118 6.94 8.87 -18.31
C GLN A 118 7.36 9.44 -16.87
C GLN A 118 7.31 9.42 -16.94
N PRO A 119 6.85 10.66 -16.62
CA PRO A 119 7.11 11.34 -15.35
C PRO A 119 6.24 10.73 -14.23
N PHE A 120 6.61 10.87 -12.97
CA PHE A 120 5.64 10.54 -11.94
C PHE A 120 4.51 11.59 -11.93
N SER A 121 3.28 11.13 -11.80
CA SER A 121 2.11 12.01 -11.62
C SER A 121 1.77 12.32 -10.14
N ASP A 122 0.92 13.32 -9.92
CA ASP A 122 0.38 13.64 -8.60
C ASP A 122 -0.48 12.49 -8.06
N ASP A 123 -1.20 11.81 -8.93
CA ASP A 123 -1.84 10.55 -8.58
C ASP A 123 -0.80 9.65 -7.84
N ASP A 124 0.38 9.56 -8.46
CA ASP A 124 1.43 8.63 -8.02
C ASP A 124 1.93 9.07 -6.68
N GLU A 125 2.09 10.38 -6.53
CA GLU A 125 2.54 11.05 -5.30
C GLU A 125 1.70 10.79 -4.00
N VAL A 126 0.39 10.76 -4.20
CA VAL A 126 -0.61 10.70 -3.20
C VAL A 126 -0.64 9.26 -2.70
N LEU A 127 -0.39 8.33 -3.62
CA LEU A 127 -0.26 6.89 -3.33
C LEU A 127 0.98 6.52 -2.53
N VAL A 128 2.11 7.12 -2.93
CA VAL A 128 3.36 7.02 -2.21
C VAL A 128 3.26 7.76 -0.87
N GLN A 129 2.50 8.85 -0.79
CA GLN A 129 2.23 9.50 0.49
C GLN A 129 1.40 8.61 1.38
N ALA A 130 0.36 7.99 0.84
CA ALA A 130 -0.41 7.05 1.65
C ALA A 130 0.52 5.95 2.20
N LEU A 131 1.36 5.34 1.36
CA LEU A 131 2.26 4.20 1.79
C LEU A 131 3.37 4.58 2.79
N ALA A 132 3.90 5.80 2.64
CA ALA A 132 4.91 6.38 3.54
C ALA A 132 4.31 6.72 4.92
N ALA A 133 3.02 7.02 4.97
CA ALA A 133 2.29 7.13 6.23
C ALA A 133 2.05 5.77 6.91
N ALA A 134 1.62 4.78 6.13
CA ALA A 134 1.57 3.40 6.60
C ALA A 134 2.94 2.96 7.12
N ALA A 135 4.03 3.34 6.44
CA ALA A 135 5.34 3.09 6.97
C ALA A 135 5.66 3.89 8.29
N GLY A 136 5.13 5.10 8.42
CA GLY A 136 5.34 5.82 9.69
C GLY A 136 4.69 5.09 10.85
N ILE A 137 3.49 4.56 10.62
CA ILE A 137 2.69 3.85 11.65
C ILE A 137 3.43 2.59 12.05
N ALA A 138 3.94 1.86 11.07
CA ALA A 138 4.68 0.64 11.30
C ALA A 138 5.96 0.86 12.17
N VAL A 139 6.73 1.90 11.91
CA VAL A 139 7.94 2.26 12.71
C VAL A 139 7.60 2.66 14.16
N ASP A 140 6.54 3.47 14.31
CA ASP A 140 6.06 4.04 15.56
C ASP A 140 5.50 2.86 16.34
N ASN A 141 4.72 1.99 15.67
CA ASN A 141 4.26 0.73 16.31
C ASN A 141 5.43 -0.13 16.87
N ALA A 142 6.47 -0.36 16.06
CA ALA A 142 7.63 -1.14 16.46
C ALA A 142 8.40 -0.42 17.57
N ARG A 143 8.01 0.84 17.82
CA ARG A 143 8.62 1.75 18.81
C ARG A 143 9.84 2.40 18.17
N LEU A 144 10.99 1.93 18.69
CA LEU A 144 12.32 1.97 18.04
C LEU A 144 13.03 3.19 18.56
N PHE A 145 12.27 4.26 18.69
CA PHE A 145 12.77 5.57 19.11
C PHE A 145 12.05 6.03 20.38
N GLU A 146 12.76 6.87 21.14
CA GLU A 146 12.29 7.42 22.39
C GLU A 146 11.07 8.31 22.20
N GLY B 1 -10.78 14.98 -5.91
CA GLY B 1 -9.96 15.04 -4.66
C GLY B 1 -9.31 13.70 -4.44
N LYS B 2 -9.49 12.83 -5.42
CA LYS B 2 -8.74 11.59 -5.56
C LYS B 2 -9.14 10.44 -4.66
N LEU B 3 -10.03 10.62 -3.67
CA LEU B 3 -10.33 9.46 -2.81
C LEU B 3 -10.72 8.22 -3.62
N ASP B 4 -11.73 8.33 -4.47
CA ASP B 4 -12.20 7.17 -5.23
C ASP B 4 -11.15 6.51 -6.16
N ALA B 5 -10.42 7.35 -6.90
CA ALA B 5 -9.30 6.94 -7.75
C ALA B 5 -8.22 6.19 -6.93
N THR B 6 -7.88 6.71 -5.76
CA THR B 6 -6.94 6.10 -4.76
C THR B 6 -7.28 4.67 -4.32
N LEU B 7 -8.54 4.47 -3.96
CA LEU B 7 -9.10 3.20 -3.53
C LEU B 7 -9.17 2.22 -4.66
N ARG B 8 -9.64 2.65 -5.85
CA ARG B 8 -9.62 1.84 -7.07
C ARG B 8 -8.21 1.40 -7.45
N ALA B 9 -7.24 2.33 -7.41
CA ALA B 9 -5.83 1.96 -7.56
C ALA B 9 -5.37 0.89 -6.53
N ILE B 10 -5.71 1.06 -5.25
CA ILE B 10 -5.36 0.10 -4.16
C ILE B 10 -5.92 -1.31 -4.38
N VAL B 11 -7.23 -1.37 -4.65
CA VAL B 11 -7.90 -2.61 -4.96
C VAL B 11 -7.25 -3.31 -6.17
N HIS B 12 -7.10 -2.58 -7.29
CA HIS B 12 -6.41 -3.12 -8.47
C HIS B 12 -5.00 -3.68 -8.16
N THR B 13 -4.16 -2.91 -7.46
CA THR B 13 -2.77 -3.33 -7.16
C THR B 13 -2.70 -4.54 -6.24
N ALA B 14 -3.66 -4.59 -5.29
CA ALA B 14 -3.88 -5.70 -4.36
C ALA B 14 -4.20 -6.99 -5.03
N ALA B 15 -5.21 -6.94 -5.89
CA ALA B 15 -5.70 -8.13 -6.60
C ALA B 15 -4.58 -8.75 -7.41
N GLU B 16 -3.82 -7.89 -8.08
CA GLU B 16 -2.82 -8.32 -9.07
C GLU B 16 -1.59 -8.86 -8.33
N LEU B 17 -1.10 -8.10 -7.36
CA LEU B 17 0.05 -8.48 -6.56
C LEU B 17 -0.11 -9.79 -5.73
N VAL B 18 -1.34 -10.18 -5.48
CA VAL B 18 -1.72 -11.33 -4.67
C VAL B 18 -2.39 -12.43 -5.64
N ASP B 19 -2.42 -12.12 -6.92
CA ASP B 19 -3.03 -12.96 -7.95
C ASP B 19 -4.49 -13.37 -7.87
N ALA B 20 -5.29 -12.57 -7.16
CA ALA B 20 -6.74 -12.75 -7.04
C ALA B 20 -7.49 -12.30 -8.29
N ARG B 21 -8.53 -13.03 -8.63
CA ARG B 21 -9.43 -12.71 -9.71
C ARG B 21 -10.35 -11.54 -9.29
N TYR B 22 -10.62 -11.41 -8.00
CA TYR B 22 -11.65 -10.46 -7.58
C TYR B 22 -11.20 -9.76 -6.35
N GLY B 23 -11.58 -8.49 -6.25
CA GLY B 23 -11.23 -7.72 -5.04
C GLY B 23 -12.19 -6.58 -4.79
N ALA B 24 -12.36 -6.23 -3.54
CA ALA B 24 -13.33 -5.28 -3.24
C ALA B 24 -12.94 -4.59 -1.97
N LEU B 25 -13.40 -3.33 -1.84
CA LEU B 25 -13.12 -2.47 -0.70
C LEU B 25 -14.41 -1.71 -0.41
N GLY B 26 -14.93 -1.86 0.79
CA GLY B 26 -16.12 -1.15 1.14
C GLY B 26 -15.89 -0.25 2.31
N VAL B 27 -16.41 0.99 2.25
CA VAL B 27 -16.38 1.90 3.39
C VAL B 27 -17.80 2.19 3.75
N ARG B 28 -18.16 1.98 5.03
CA ARG B 28 -19.54 2.25 5.43
C ARG B 28 -19.70 3.51 6.32
N GLY B 29 -20.94 4.02 6.39
CA GLY B 29 -21.21 5.23 7.08
C GLY B 29 -21.74 5.02 8.46
N TYR B 30 -22.17 6.10 9.08
CA TYR B 30 -22.57 6.06 10.46
C TYR B 30 -23.87 5.30 10.56
N ASP B 31 -24.43 5.00 9.41
CA ASP B 31 -25.78 4.45 9.35
C ASP B 31 -25.66 3.01 8.79
N HIS B 32 -24.41 2.58 8.74
CA HIS B 32 -24.03 1.19 8.43
C HIS B 32 -24.21 0.77 6.96
N ARG B 33 -24.50 1.74 6.10
CA ARG B 33 -24.61 1.57 4.64
C ARG B 33 -23.32 2.02 3.97
N LEU B 34 -23.07 1.51 2.77
CA LEU B 34 -21.87 1.89 2.04
C LEU B 34 -21.83 3.33 1.62
N VAL B 35 -20.63 3.90 1.74
N VAL B 35 -20.64 3.91 1.77
CA VAL B 35 -20.34 5.26 1.30
CA VAL B 35 -20.32 5.26 1.33
C VAL B 35 -19.51 5.08 0.04
C VAL B 35 -19.48 5.11 0.08
N GLU B 36 -18.62 4.10 0.10
CA GLU B 36 -17.70 3.76 -1.01
C GLU B 36 -17.62 2.21 -1.16
N PHE B 37 -17.81 1.71 -2.36
CA PHE B 37 -17.72 0.30 -2.65
C PHE B 37 -16.93 0.22 -3.93
N VAL B 38 -15.71 -0.31 -3.81
CA VAL B 38 -14.81 -0.39 -4.94
C VAL B 38 -14.68 -1.88 -5.29
N TYR B 39 -14.71 -2.25 -6.58
CA TYR B 39 -14.59 -3.71 -6.89
C TYR B 39 -13.84 -3.94 -8.16
N GLU B 40 -13.22 -5.08 -8.23
CA GLU B 40 -12.43 -5.40 -9.37
C GLU B 40 -12.71 -6.81 -9.86
N GLY B 41 -12.80 -7.00 -11.17
CA GLY B 41 -12.90 -8.34 -11.68
C GLY B 41 -14.23 -8.68 -12.29
N ILE B 42 -15.18 -7.75 -12.34
CA ILE B 42 -16.44 -8.08 -13.01
C ILE B 42 -16.97 -7.14 -14.13
N ASP B 43 -17.60 -7.70 -15.17
CA ASP B 43 -18.35 -6.86 -16.17
C ASP B 43 -19.58 -6.14 -15.54
N GLU B 44 -20.41 -5.57 -16.40
CA GLU B 44 -21.52 -4.65 -16.13
C GLU B 44 -22.85 -5.37 -16.17
N GLU B 45 -23.07 -6.16 -17.20
CA GLU B 45 -23.95 -7.31 -17.00
C GLU B 45 -23.24 -7.97 -15.83
N THR B 46 -23.92 -8.74 -14.99
CA THR B 46 -23.24 -9.23 -13.75
C THR B 46 -23.33 -8.20 -12.63
N ARG B 47 -22.61 -7.08 -12.73
CA ARG B 47 -22.78 -6.01 -11.71
C ARG B 47 -24.20 -5.49 -11.62
N HIS B 48 -24.79 -5.04 -12.74
CA HIS B 48 -26.22 -4.71 -12.80
C HIS B 48 -27.14 -5.85 -12.34
N LEU B 49 -26.81 -7.09 -12.71
CA LEU B 49 -27.64 -8.25 -12.41
C LEU B 49 -27.37 -8.82 -11.01
N ILE B 50 -26.21 -8.55 -10.40
CA ILE B 50 -26.11 -8.82 -8.95
C ILE B 50 -27.18 -7.98 -8.25
N GLY B 51 -27.14 -6.68 -8.52
CA GLY B 51 -28.22 -5.81 -8.09
C GLY B 51 -27.80 -5.16 -6.83
N SER B 52 -28.52 -5.49 -5.76
CA SER B 52 -28.25 -4.95 -4.42
C SER B 52 -26.84 -5.04 -3.93
N LEU B 53 -26.32 -3.90 -3.44
CA LEU B 53 -24.99 -3.80 -2.79
C LEU B 53 -24.88 -4.76 -1.59
N PRO B 54 -23.69 -5.29 -1.28
CA PRO B 54 -23.71 -6.15 -0.09
C PRO B 54 -24.16 -5.47 1.23
N GLU B 55 -24.77 -6.23 2.12
CA GLU B 55 -25.18 -5.68 3.42
C GLU B 55 -24.13 -5.94 4.52
N GLY B 56 -23.09 -6.69 4.17
CA GLY B 56 -21.96 -7.03 5.07
C GLY B 56 -22.38 -7.97 6.19
N ARG B 57 -23.13 -8.99 5.79
CA ARG B 57 -23.95 -9.84 6.63
C ARG B 57 -23.27 -11.08 7.18
N GLY B 58 -22.19 -11.56 6.55
CA GLY B 58 -21.51 -12.83 6.99
C GLY B 58 -20.01 -12.63 7.23
N VAL B 59 -19.19 -13.43 6.53
CA VAL B 59 -17.73 -13.31 6.63
C VAL B 59 -17.28 -11.86 6.59
N LEU B 60 -17.96 -11.03 5.79
CA LEU B 60 -17.60 -9.61 5.65
C LEU B 60 -17.77 -8.80 6.88
N GLY B 61 -18.76 -9.16 7.70
CA GLY B 61 -18.91 -8.53 9.00
C GLY B 61 -18.08 -9.14 10.14
N ALA B 62 -17.80 -10.45 10.08
CA ALA B 62 -16.76 -11.05 10.91
C ALA B 62 -15.51 -10.16 10.97
N LEU B 63 -15.15 -9.61 9.80
CA LEU B 63 -14.04 -8.65 9.61
C LEU B 63 -14.33 -7.28 10.23
N ILE B 64 -15.62 -6.99 10.34
CA ILE B 64 -16.17 -5.69 10.78
C ILE B 64 -16.05 -5.64 12.31
N GLU B 65 -16.73 -6.60 12.97
CA GLU B 65 -16.84 -6.68 14.44
C GLU B 65 -15.59 -7.11 15.20
N GLU B 66 -14.62 -7.69 14.49
CA GLU B 66 -13.27 -7.83 15.01
C GLU B 66 -12.21 -7.67 13.93
N PRO B 67 -11.37 -6.60 13.99
CA PRO B 67 -10.13 -6.49 13.19
C PRO B 67 -9.47 -7.84 12.81
N LYS B 68 -8.14 -7.93 12.88
CA LYS B 68 -7.41 -9.10 12.34
C LYS B 68 -7.89 -9.58 10.96
N PRO B 69 -6.93 -10.01 10.10
CA PRO B 69 -7.20 -10.53 8.79
C PRO B 69 -7.80 -11.93 8.81
N ILE B 70 -8.61 -12.21 7.79
CA ILE B 70 -9.24 -13.53 7.61
C ILE B 70 -8.74 -14.14 6.28
N ARG B 71 -8.11 -15.31 6.41
CA ARG B 71 -7.61 -16.01 5.25
C ARG B 71 -8.13 -17.45 5.21
N LEU B 72 -8.91 -17.77 4.18
CA LEU B 72 -9.63 -19.06 4.08
C LEU B 72 -9.41 -19.75 2.73
N ASP B 73 -9.26 -21.07 2.78
CA ASP B 73 -9.19 -21.97 1.64
C ASP B 73 -10.55 -22.12 0.95
N ASP B 74 -11.58 -21.93 1.76
CA ASP B 74 -12.94 -22.18 1.38
C ASP B 74 -13.87 -21.32 2.27
N ILE B 75 -14.36 -20.24 1.68
CA ILE B 75 -15.31 -19.33 2.29
C ILE B 75 -16.40 -20.03 3.09
N SER B 76 -16.88 -21.13 2.54
CA SER B 76 -18.13 -21.72 3.00
C SER B 76 -17.91 -22.53 4.28
N ARG B 77 -16.64 -22.83 4.58
CA ARG B 77 -16.26 -23.46 5.84
C ARG B 77 -15.89 -22.40 6.91
N HIS B 78 -16.30 -21.15 6.70
CA HIS B 78 -16.38 -20.21 7.81
C HIS B 78 -17.82 -20.31 8.31
N PRO B 79 -17.99 -20.52 9.65
CA PRO B 79 -19.29 -20.64 10.30
C PRO B 79 -20.20 -19.44 10.12
N ALA B 80 -19.70 -18.34 9.54
CA ALA B 80 -20.50 -17.13 9.23
C ALA B 80 -21.04 -17.03 7.80
N SER B 81 -20.40 -17.71 6.84
CA SER B 81 -20.83 -17.78 5.41
C SER B 81 -22.34 -17.62 5.21
N VAL B 82 -22.79 -16.66 4.39
CA VAL B 82 -24.25 -16.54 4.09
C VAL B 82 -24.61 -17.08 2.71
N GLY B 83 -23.57 -17.08 1.85
CA GLY B 83 -23.64 -17.39 0.42
C GLY B 83 -23.68 -16.14 -0.43
N PHE B 84 -24.01 -16.31 -1.70
CA PHE B 84 -24.00 -15.24 -2.68
C PHE B 84 -25.36 -15.08 -3.29
N PRO B 85 -25.69 -13.84 -3.75
CA PRO B 85 -26.94 -13.69 -4.43
C PRO B 85 -26.75 -14.18 -5.86
N LEU B 86 -27.83 -14.46 -6.56
CA LEU B 86 -27.69 -15.00 -7.89
C LEU B 86 -26.87 -14.08 -8.79
N HIS B 87 -26.12 -14.66 -9.74
CA HIS B 87 -25.33 -13.86 -10.71
C HIS B 87 -23.93 -13.46 -10.18
N HIS B 88 -23.76 -13.54 -8.88
CA HIS B 88 -22.51 -13.14 -8.26
C HIS B 88 -21.63 -14.32 -8.57
N PRO B 89 -20.34 -14.07 -8.92
CA PRO B 89 -19.39 -15.11 -9.17
C PRO B 89 -19.12 -15.96 -7.94
N PRO B 90 -18.95 -17.29 -8.13
CA PRO B 90 -18.64 -18.15 -7.00
C PRO B 90 -17.19 -17.95 -6.60
N MET B 91 -16.93 -17.94 -5.30
CA MET B 91 -15.65 -17.61 -4.78
C MET B 91 -15.33 -18.53 -3.65
N ARG B 92 -14.11 -18.97 -3.62
CA ARG B 92 -13.81 -20.02 -2.71
C ARG B 92 -12.66 -19.60 -1.77
N THR B 93 -11.48 -19.24 -2.31
CA THR B 93 -10.43 -18.67 -1.45
C THR B 93 -10.78 -17.26 -1.06
N PHE B 94 -10.47 -16.93 0.19
CA PHE B 94 -10.75 -15.59 0.74
C PHE B 94 -9.51 -14.95 1.44
N LEU B 95 -9.28 -13.67 1.21
CA LEU B 95 -8.28 -12.93 1.97
C LEU B 95 -8.81 -11.56 2.31
N GLY B 96 -9.09 -11.34 3.61
CA GLY B 96 -9.64 -10.10 4.09
C GLY B 96 -9.01 -9.45 5.32
N VAL B 97 -8.87 -8.13 5.25
CA VAL B 97 -8.23 -7.38 6.30
C VAL B 97 -9.08 -6.11 6.48
N PRO B 98 -9.28 -5.69 7.73
CA PRO B 98 -9.98 -4.45 8.01
C PRO B 98 -9.22 -3.24 7.45
N VAL B 99 -9.91 -2.24 6.88
CA VAL B 99 -9.33 -0.93 6.57
C VAL B 99 -9.47 0.01 7.80
N ARG B 100 -8.37 0.56 8.32
CA ARG B 100 -8.44 1.30 9.59
C ARG B 100 -7.23 2.22 9.92
N ILE B 101 -7.48 3.18 10.81
CA ILE B 101 -6.45 4.06 11.38
C ILE B 101 -6.77 4.44 12.83
N ARG B 102 -5.74 4.33 13.69
CA ARG B 102 -5.86 4.54 15.14
C ARG B 102 -6.88 3.50 15.62
N ASP B 103 -7.94 3.95 16.30
CA ASP B 103 -8.98 3.05 16.82
C ASP B 103 -10.26 3.08 15.91
N GLU B 104 -10.09 3.53 14.68
CA GLU B 104 -11.19 3.67 13.76
C GLU B 104 -11.15 2.56 12.68
N VAL B 105 -12.29 1.90 12.43
CA VAL B 105 -12.43 0.89 11.39
C VAL B 105 -13.42 1.45 10.41
N PHE B 106 -12.93 1.71 9.20
CA PHE B 106 -13.65 2.43 8.19
C PHE B 106 -14.21 1.38 7.26
N GLY B 107 -13.51 0.26 7.12
CA GLY B 107 -14.04 -0.74 6.23
C GLY B 107 -13.16 -1.94 6.16
N ASN B 108 -13.20 -2.62 5.00
CA ASN B 108 -12.55 -3.90 4.85
C ASN B 108 -11.97 -3.88 3.45
N LEU B 109 -10.90 -4.64 3.22
CA LEU B 109 -10.39 -4.86 1.88
C LEU B 109 -10.22 -6.37 1.67
N TYR B 110 -10.74 -6.87 0.57
CA TYR B 110 -10.82 -8.34 0.43
C TYR B 110 -10.62 -8.80 -0.98
N LEU B 111 -10.06 -10.01 -1.08
CA LEU B 111 -9.66 -10.68 -2.31
C LEU B 111 -10.21 -12.09 -2.29
N THR B 112 -10.58 -12.59 -3.47
CA THR B 112 -11.03 -13.93 -3.53
C THR B 112 -10.45 -14.57 -4.79
N GLU B 113 -10.27 -15.90 -4.78
CA GLU B 113 -9.96 -16.63 -6.04
C GLU B 113 -8.51 -16.38 -6.54
N LYS B 114 -7.54 -16.55 -5.65
CA LYS B 114 -6.17 -16.73 -6.10
C LYS B 114 -6.19 -17.69 -7.31
N ALA B 115 -5.46 -17.35 -8.38
CA ALA B 115 -5.42 -18.20 -9.56
C ALA B 115 -4.90 -19.58 -9.17
N ASP B 116 -5.33 -20.57 -9.96
CA ASP B 116 -4.92 -21.96 -9.83
C ASP B 116 -5.44 -22.63 -8.55
N GLY B 117 -6.46 -22.06 -7.92
CA GLY B 117 -7.02 -22.65 -6.68
C GLY B 117 -6.06 -22.69 -5.50
N GLN B 118 -4.84 -22.17 -5.73
CA GLN B 118 -3.85 -21.87 -4.71
C GLN B 118 -4.55 -21.16 -3.55
N PRO B 119 -4.03 -21.33 -2.33
CA PRO B 119 -4.53 -20.59 -1.20
C PRO B 119 -3.74 -19.26 -0.96
N PHE B 120 -4.41 -18.26 -0.37
CA PHE B 120 -3.70 -17.03 0.03
C PHE B 120 -2.62 -17.40 1.06
N SER B 121 -1.48 -16.69 1.01
CA SER B 121 -0.33 -16.90 1.86
C SER B 121 -0.20 -15.78 2.90
N ASP B 122 0.77 -15.95 3.81
N ASP B 122 0.76 -15.94 3.83
CA ASP B 122 1.15 -14.95 4.83
CA ASP B 122 1.12 -14.90 4.83
C ASP B 122 1.67 -13.68 4.17
C ASP B 122 1.62 -13.65 4.12
N ASP B 123 2.52 -13.88 3.17
CA ASP B 123 3.06 -12.82 2.34
C ASP B 123 1.97 -12.06 1.63
N ASP B 124 1.00 -12.80 1.08
CA ASP B 124 -0.23 -12.22 0.46
C ASP B 124 -0.98 -11.35 1.48
N GLU B 125 -1.13 -11.83 2.70
CA GLU B 125 -1.85 -11.11 3.75
C GLU B 125 -1.10 -9.86 4.25
N VAL B 126 0.24 -9.95 4.36
CA VAL B 126 1.10 -8.81 4.68
C VAL B 126 0.98 -7.65 3.70
N LEU B 127 1.11 -7.92 2.40
CA LEU B 127 0.89 -6.93 1.31
C LEU B 127 -0.45 -6.18 1.34
N VAL B 128 -1.53 -6.98 1.46
CA VAL B 128 -2.89 -6.52 1.54
C VAL B 128 -3.03 -5.60 2.80
N GLN B 129 -2.42 -6.01 3.92
CA GLN B 129 -2.44 -5.23 5.16
C GLN B 129 -1.85 -3.86 4.98
N ALA B 130 -0.67 -3.85 4.33
CA ALA B 130 -0.03 -2.64 3.86
C ALA B 130 -0.95 -1.77 3.02
N LEU B 131 -1.61 -2.33 1.99
CA LEU B 131 -2.57 -1.58 1.11
C LEU B 131 -3.82 -1.12 1.87
N ALA B 132 -4.26 -1.87 2.86
CA ALA B 132 -5.45 -1.48 3.66
C ALA B 132 -5.23 -0.36 4.62
N ALA B 133 -4.00 -0.21 5.03
CA ALA B 133 -3.62 0.77 5.98
C ALA B 133 -3.40 2.07 5.22
N ALA B 134 -2.97 1.94 3.99
CA ALA B 134 -2.85 3.06 3.10
C ALA B 134 -4.21 3.58 2.67
N ALA B 135 -5.15 2.69 2.36
CA ALA B 135 -6.56 3.02 2.20
C ALA B 135 -7.23 3.73 3.43
N GLY B 136 -6.96 3.26 4.65
CA GLY B 136 -7.35 4.02 5.84
C GLY B 136 -6.76 5.42 5.95
N ILE B 137 -5.49 5.56 5.57
CA ILE B 137 -4.84 6.88 5.49
C ILE B 137 -5.59 7.74 4.53
N ALA B 138 -5.84 7.21 3.35
CA ALA B 138 -6.60 7.88 2.28
C ALA B 138 -8.04 8.30 2.73
N VAL B 139 -8.79 7.36 3.32
CA VAL B 139 -10.13 7.69 3.94
C VAL B 139 -10.00 8.77 5.03
N ASP B 140 -8.98 8.64 5.86
CA ASP B 140 -8.70 9.62 6.94
C ASP B 140 -8.41 11.04 6.49
N ASN B 141 -7.37 11.18 5.65
CA ASN B 141 -7.08 12.38 4.85
C ASN B 141 -8.28 13.06 4.17
N ALA B 142 -9.24 12.27 3.71
CA ALA B 142 -10.44 12.75 3.01
C ALA B 142 -11.52 13.41 3.92
N ARG B 143 -11.32 13.34 5.24
CA ARG B 143 -12.11 14.07 6.23
C ARG B 143 -13.59 13.79 6.03
N LEU B 144 -13.87 12.62 5.46
CA LEU B 144 -15.21 12.04 5.29
C LEU B 144 -15.90 11.81 6.64
N PHE B 145 -15.13 11.48 7.70
CA PHE B 145 -15.70 11.20 9.06
C PHE B 145 -15.25 12.17 10.11
N GLU B 146 -16.10 12.41 11.11
CA GLU B 146 -15.82 13.38 12.19
C GLU B 146 -14.64 13.02 13.09
N GLU B 147 -14.37 11.73 13.26
CA GLU B 147 -13.16 11.23 13.93
C GLU B 147 -12.03 11.13 12.87
N SER B 148 -11.65 12.32 12.38
CA SER B 148 -10.65 12.60 11.35
C SER B 148 -10.42 14.10 11.48
N ARG B 149 -11.43 14.78 12.04
CA ARG B 149 -11.47 16.23 12.24
C ARG B 149 -11.45 16.54 13.74
CHA HEM C . 22.36 7.12 -4.72
CHB HEM C . 17.73 5.47 -5.24
CHC HEM C . 19.44 1.06 -4.45
CHD HEM C . 23.39 2.99 -2.32
C1A HEM C . 21.00 7.08 -5.06
C2A HEM C . 20.14 8.16 -5.50
C3A HEM C . 18.90 7.68 -5.62
C4A HEM C . 18.87 6.29 -5.24
CMA HEM C . 17.67 8.47 -6.14
CAA HEM C . 20.44 9.62 -5.87
CBA HEM C . 21.47 10.30 -5.00
CGA HEM C . 21.43 11.78 -5.29
O1A HEM C . 21.17 12.52 -4.28
O2A HEM C . 21.68 12.21 -6.47
C1B HEM C . 17.72 4.09 -5.15
C2B HEM C . 16.68 3.18 -5.48
C3B HEM C . 17.18 1.93 -5.31
C4B HEM C . 18.53 2.04 -4.81
CMB HEM C . 15.24 3.60 -5.91
CAB HEM C . 16.39 0.59 -5.50
CBB HEM C . 16.96 -0.63 -5.69
C1C HEM C . 20.60 1.19 -3.69
C2C HEM C . 21.34 0.15 -2.99
C3C HEM C . 22.45 0.74 -2.41
C4C HEM C . 22.40 2.13 -2.70
CMC HEM C . 20.96 -1.34 -2.96
CAC HEM C . 23.66 0.25 -1.59
CBC HEM C . 23.73 -0.88 -0.92
C1D HEM C . 23.55 4.27 -2.82
C2D HEM C . 24.67 5.13 -2.53
C3D HEM C . 24.36 6.41 -3.25
C4D HEM C . 23.04 6.23 -3.90
CMD HEM C . 25.92 4.85 -1.64
CAD HEM C . 25.28 7.63 -3.16
CBD HEM C . 24.47 8.66 -2.40
CGD HEM C . 24.29 8.53 -0.88
O1D HEM C . 25.18 8.07 -0.14
O2D HEM C . 23.20 8.93 -0.39
NA HEM C . 20.17 5.97 -4.88
NB HEM C . 18.83 3.36 -4.78
NC HEM C . 21.30 2.37 -3.52
ND HEM C . 22.62 4.91 -3.63
FE HEM C . 20.81 4.14 -4.28
C ACT D . 24.40 4.37 6.85
O ACT D . 25.29 3.49 6.95
OXT ACT D . 23.23 4.04 7.11
CH3 ACT D . 24.72 5.80 6.45
CHA HEM E . -21.41 -11.88 -0.73
CHB HEM E . -16.93 -10.89 -2.13
CHC HEM E . -18.60 -8.23 -5.74
CHD HEM E . -22.95 -8.18 -3.56
C1A HEM E . -20.04 -11.96 -0.83
C2A HEM E . -19.16 -12.79 -0.08
C3A HEM E . -17.91 -12.51 -0.47
C4A HEM E . -17.99 -11.51 -1.50
CMA HEM E . -16.60 -13.15 0.00
CAA HEM E . -19.61 -13.86 0.92
CBA HEM E . -19.80 -13.25 2.28
CGA HEM E . -20.21 -14.46 3.08
O1A HEM E . -20.73 -15.45 2.53
O2A HEM E . -20.02 -14.38 4.30
C1B HEM E . -16.95 -10.09 -3.25
C2B HEM E . -15.80 -9.68 -4.03
C3B HEM E . -16.27 -8.97 -5.06
C4B HEM E . -17.70 -8.92 -4.93
CMB HEM E . -14.33 -10.02 -3.71
CAB HEM E . -15.41 -8.35 -6.18
CBB HEM E . -15.94 -8.21 -7.40
C1C HEM E . -19.89 -7.85 -5.40
C2C HEM E . -20.70 -6.85 -6.05
C3C HEM E . -21.93 -6.84 -5.43
C4C HEM E . -21.91 -7.85 -4.39
CMC HEM E . -20.18 -5.95 -7.20
CAC HEM E . -23.19 -5.99 -5.70
CBC HEM E . -23.32 -5.14 -6.71
C1D HEM E . -22.98 -9.17 -2.62
C2D HEM E . -24.11 -9.50 -1.75
C3D HEM E . -23.61 -10.67 -0.92
C4D HEM E . -22.23 -10.88 -1.30
CMD HEM E . -25.52 -8.91 -1.67
CAD HEM E . -24.38 -11.40 0.19
CBD HEM E . -23.84 -10.93 1.53
CGD HEM E . -24.08 -9.50 1.97
O1D HEM E . -23.20 -8.90 2.68
O2D HEM E . -25.17 -8.96 1.72
NA HEM E . -19.29 -11.19 -1.68
NB HEM E . -18.08 -9.58 -3.80
NC HEM E . -20.67 -8.46 -4.41
ND HEM E . -21.91 -9.99 -2.32
FE HEM E . -19.95 -9.89 -3.09
O1 OXY F . -19.29 -7.91 -0.03
O2 OXY F . -19.27 -8.27 -1.20
C ACT G . -25.97 -0.71 1.27
O ACT G . -25.40 0.39 1.13
OXT ACT G . -27.09 -1.02 0.74
CH3 ACT G . -25.31 -1.74 2.11
#